data_4P54
#
_entry.id   4P54
#
_cell.length_a   81.207
_cell.length_b   81.207
_cell.length_c   67.440
_cell.angle_alpha   90.00
_cell.angle_beta   90.00
_cell.angle_gamma   120.00
#
_symmetry.space_group_name_H-M   'P 32 2 1'
#
loop_
_entity.id
_entity.type
_entity.pdbx_description
1 polymer 'Aminodeoxyfutalosine nucleosidase'
2 non-polymer "5'-DEOXY-5'-METHYLTHIOADENOSINE"
3 non-polymer 'CHLORIDE ION'
4 water water
#
_entity_poly.entity_id   1
_entity_poly.type   'polypeptide(L)'
_entity_poly.pdbx_seq_one_letter_code
;MGQKIGILGAMREEITPILELFGVDFEEIPLGGNVFHKGVYHNKEIIVAYSKIGKVHSTLTTTSMILAFGVQKVLFSGVA
GSLVKDLKINDLLVATQLVQHDVDLSAFDHPLGFIPESAIFIETSGSLNALAKKIANEQHIALKEGVIASGDQFVHSKER
KEFLVSEFKASAVEMEGASVAFVCQKFGVPCCVLRSISNNADEKAGMSFDEFLEKSAHTSAKFLKSMVDEL
;
_entity_poly.pdbx_strand_id   A
#
loop_
_chem_comp.id
_chem_comp.type
_chem_comp.name
_chem_comp.formula
CL non-polymer 'CHLORIDE ION' 'Cl -1'
MTA non-polymer 5'-DEOXY-5'-METHYLTHIOADENOSINE 'C11 H15 N5 O3 S'
#
# COMPACT_ATOMS: atom_id res chain seq x y z
N MET A 1 2.72 17.36 -20.64
CA MET A 1 2.50 16.06 -20.04
C MET A 1 1.76 16.17 -18.70
N GLY A 2 1.14 15.07 -18.30
CA GLY A 2 0.48 15.00 -17.00
C GLY A 2 1.49 14.81 -15.88
N GLN A 3 0.99 14.69 -14.65
CA GLN A 3 1.87 14.52 -13.50
C GLN A 3 2.46 13.12 -13.46
N LYS A 4 3.78 13.05 -13.24
CA LYS A 4 4.51 11.78 -13.15
C LYS A 4 4.01 10.98 -11.94
N ILE A 5 3.79 9.69 -12.14
CA ILE A 5 3.17 8.84 -11.12
C ILE A 5 4.09 7.69 -10.74
N GLY A 6 4.38 7.57 -9.44
CA GLY A 6 5.07 6.40 -8.94
C GLY A 6 4.07 5.34 -8.57
N ILE A 7 4.33 4.10 -8.98
CA ILE A 7 3.46 2.98 -8.66
C ILE A 7 4.29 1.92 -7.96
N LEU A 8 3.89 1.55 -6.76
CA LEU A 8 4.71 0.68 -5.91
C LEU A 8 3.94 -0.55 -5.47
N GLY A 9 4.64 -1.68 -5.45
CA GLY A 9 4.20 -2.88 -4.76
C GLY A 9 5.32 -3.34 -3.85
N ALA A 10 5.07 -4.34 -3.01
CA ALA A 10 6.11 -4.84 -2.13
C ALA A 10 6.86 -6.01 -2.74
N MET A 11 6.13 -6.83 -3.49
CA MET A 11 6.69 -8.07 -4.02
C MET A 11 6.57 -8.07 -5.54
N ARG A 12 7.43 -8.81 -6.22
CA ARG A 12 7.37 -8.85 -7.68
C ARG A 12 5.98 -9.26 -8.17
N GLU A 13 5.37 -10.21 -7.46
CA GLU A 13 4.03 -10.71 -7.84
C GLU A 13 2.97 -9.61 -7.86
N GLU A 14 3.19 -8.55 -7.07
CA GLU A 14 2.24 -7.43 -7.04
C GLU A 14 2.41 -6.46 -8.20
N ILE A 15 3.60 -6.39 -8.78
CA ILE A 15 3.80 -5.45 -9.88
C ILE A 15 3.76 -6.11 -11.27
N THR A 16 3.97 -7.41 -11.31
CA THR A 16 3.87 -8.12 -12.61
C THR A 16 2.56 -7.79 -13.33
N PRO A 17 1.41 -7.90 -12.64
CA PRO A 17 0.14 -7.55 -13.29
C PRO A 17 0.06 -6.07 -13.66
N ILE A 18 0.69 -5.20 -12.88
CA ILE A 18 0.67 -3.79 -13.19
C ILE A 18 1.37 -3.52 -14.51
N LEU A 19 2.55 -4.10 -14.68
CA LEU A 19 3.31 -3.91 -15.91
C LEU A 19 2.53 -4.44 -17.11
N GLU A 20 1.91 -5.61 -16.92
CA GLU A 20 1.16 -6.24 -18.00
C GLU A 20 -0.09 -5.43 -18.37
N LEU A 21 -0.81 -4.96 -17.35
CA LEU A 21 -2.04 -4.19 -17.58
C LEU A 21 -1.82 -2.85 -18.29
N PHE A 22 -0.73 -2.15 -17.98
CA PHE A 22 -0.45 -0.90 -18.66
C PHE A 22 -0.01 -1.15 -20.10
N GLY A 23 0.70 -2.26 -20.30
CA GLY A 23 1.01 -2.76 -21.63
C GLY A 23 1.99 -1.94 -22.46
N VAL A 24 2.53 -0.87 -21.90
CA VAL A 24 3.44 -0.01 -22.64
C VAL A 24 4.89 -0.51 -22.52
N ASP A 25 5.78 0.10 -23.29
CA ASP A 25 7.20 -0.23 -23.22
C ASP A 25 7.81 0.34 -21.95
N PHE A 26 8.50 -0.48 -21.19
CA PHE A 26 9.19 -0.02 -19.99
C PHE A 26 10.70 -0.11 -20.13
N GLU A 27 11.38 0.95 -19.69
CA GLU A 27 12.84 0.93 -19.56
C GLU A 27 13.19 0.57 -18.12
N GLU A 28 14.06 -0.43 -17.95
CA GLU A 28 14.50 -0.82 -16.61
C GLU A 28 15.72 -0.01 -16.13
N ILE A 29 15.58 0.59 -14.95
CA ILE A 29 16.64 1.43 -14.39
C ILE A 29 16.95 0.99 -12.98
N PRO A 30 18.18 0.50 -12.74
CA PRO A 30 18.54 0.03 -11.40
C PRO A 30 18.98 1.19 -10.50
N LEU A 31 18.58 1.14 -9.24
CA LEU A 31 19.03 2.11 -8.26
C LEU A 31 18.78 1.58 -6.85
N GLY A 32 19.83 1.58 -6.03
CA GLY A 32 19.70 1.22 -4.62
C GLY A 32 19.13 -0.16 -4.32
N GLY A 33 19.42 -1.11 -5.19
CA GLY A 33 18.92 -2.47 -5.02
C GLY A 33 17.53 -2.71 -5.59
N ASN A 34 16.91 -1.67 -6.15
CA ASN A 34 15.61 -1.80 -6.79
C ASN A 34 15.74 -1.66 -8.30
N VAL A 35 14.77 -2.21 -9.03
CA VAL A 35 14.66 -1.99 -10.47
C VAL A 35 13.41 -1.16 -10.74
N PHE A 36 13.62 0.02 -11.31
CA PHE A 36 12.51 0.90 -11.64
C PHE A 36 12.14 0.76 -13.12
N HIS A 37 10.86 0.60 -13.38
CA HIS A 37 10.34 0.44 -14.74
C HIS A 37 9.72 1.75 -15.18
N LYS A 38 10.34 2.40 -16.16
CA LYS A 38 9.91 3.72 -16.59
C LYS A 38 9.21 3.66 -17.93
N GLY A 39 8.03 4.26 -18.00
CA GLY A 39 7.25 4.21 -19.22
C GLY A 39 6.34 5.41 -19.34
N VAL A 40 5.61 5.45 -20.44
CA VAL A 40 4.65 6.53 -20.68
C VAL A 40 3.27 5.91 -20.95
N TYR A 41 2.27 6.44 -20.28
CA TYR A 41 0.91 5.92 -20.41
C TYR A 41 -0.09 7.06 -20.35
N HIS A 42 -0.93 7.18 -21.37
CA HIS A 42 -1.89 8.29 -21.42
C HIS A 42 -1.21 9.62 -21.09
N ASN A 43 -0.07 9.87 -21.73
CA ASN A 43 0.59 11.17 -21.61
C ASN A 43 1.14 11.44 -20.22
N LYS A 44 1.27 10.39 -19.43
CA LYS A 44 1.85 10.49 -18.09
C LYS A 44 3.10 9.62 -18.00
N GLU A 45 4.14 10.11 -17.34
CA GLU A 45 5.26 9.24 -17.04
C GLU A 45 4.91 8.39 -15.84
N ILE A 46 5.08 7.08 -15.96
CA ILE A 46 4.86 6.19 -14.83
C ILE A 46 6.14 5.45 -14.48
N ILE A 47 6.40 5.35 -13.19
CA ILE A 47 7.58 4.66 -12.68
C ILE A 47 7.08 3.55 -11.78
N VAL A 48 7.37 2.31 -12.14
CA VAL A 48 6.85 1.15 -11.40
C VAL A 48 7.99 0.36 -10.75
N ALA A 49 7.81 -0.01 -9.48
CA ALA A 49 8.80 -0.87 -8.84
C ALA A 49 8.15 -1.67 -7.73
N TYR A 50 8.77 -2.80 -7.38
CA TYR A 50 8.47 -3.46 -6.11
C TYR A 50 9.62 -3.18 -5.13
N SER A 51 9.27 -2.89 -3.89
CA SER A 51 10.27 -2.45 -2.90
C SER A 51 11.06 -3.59 -2.26
N LYS A 52 10.48 -4.80 -2.26
CA LYS A 52 10.81 -5.85 -1.32
C LYS A 52 10.09 -5.60 0.02
N ILE A 53 10.00 -6.64 0.83
CA ILE A 53 9.06 -6.64 1.94
C ILE A 53 9.54 -5.82 3.14
N GLY A 54 8.61 -5.12 3.78
CA GLY A 54 8.91 -4.53 5.06
C GLY A 54 9.16 -3.03 5.05
N LYS A 55 9.33 -2.48 6.24
CA LYS A 55 9.40 -1.02 6.40
C LYS A 55 10.66 -0.39 5.85
N VAL A 56 11.81 -0.99 6.09
CA VAL A 56 13.05 -0.42 5.60
C VAL A 56 13.10 -0.45 4.07
N HIS A 57 12.77 -1.60 3.48
CA HIS A 57 12.77 -1.72 2.03
C HIS A 57 11.86 -0.67 1.42
N SER A 58 10.63 -0.56 1.93
CA SER A 58 9.65 0.31 1.29
C SER A 58 9.97 1.79 1.52
N THR A 59 10.55 2.12 2.67
CA THR A 59 10.95 3.51 2.93
C THR A 59 12.04 3.91 1.94
N LEU A 60 13.02 3.04 1.78
CA LEU A 60 14.12 3.29 0.85
C LEU A 60 13.56 3.52 -0.56
N THR A 61 12.73 2.61 -1.04
CA THR A 61 12.26 2.68 -2.42
C THR A 61 11.40 3.92 -2.68
N THR A 62 10.55 4.26 -1.72
CA THR A 62 9.70 5.43 -1.87
C THR A 62 10.54 6.71 -1.92
N THR A 63 11.56 6.78 -1.07
CA THR A 63 12.46 7.94 -1.03
C THR A 63 13.20 8.06 -2.36
N SER A 64 13.64 6.93 -2.90
CA SER A 64 14.29 6.92 -4.21
C SER A 64 13.35 7.41 -5.31
N MET A 65 12.12 6.93 -5.29
CA MET A 65 11.15 7.34 -6.31
C MET A 65 10.99 8.84 -6.31
N ILE A 66 10.93 9.42 -5.12
CA ILE A 66 10.70 10.85 -5.00
C ILE A 66 11.94 11.66 -5.34
N LEU A 67 13.08 11.28 -4.75
CA LEU A 67 14.30 12.05 -4.93
C LEU A 67 14.98 11.82 -6.28
N ALA A 68 15.03 10.57 -6.73
CA ALA A 68 15.76 10.25 -7.95
C ALA A 68 14.91 10.39 -9.21
N PHE A 69 13.61 10.10 -9.09
CA PHE A 69 12.72 10.08 -10.25
C PHE A 69 11.72 11.24 -10.28
N GLY A 70 11.58 11.93 -9.15
CA GLY A 70 10.74 13.11 -9.07
C GLY A 70 9.27 12.84 -9.32
N VAL A 71 8.78 11.71 -8.81
CA VAL A 71 7.36 11.43 -8.97
C VAL A 71 6.53 12.46 -8.22
N GLN A 72 5.32 12.70 -8.73
CA GLN A 72 4.47 13.75 -8.18
C GLN A 72 3.31 13.18 -7.37
N LYS A 73 3.12 11.88 -7.46
CA LYS A 73 2.15 11.20 -6.61
C LYS A 73 2.57 9.74 -6.54
N VAL A 74 2.18 9.05 -5.47
CA VAL A 74 2.54 7.64 -5.31
C VAL A 74 1.30 6.82 -5.06
N LEU A 75 1.11 5.77 -5.85
CA LEU A 75 0.00 4.86 -5.67
C LEU A 75 0.59 3.52 -5.28
N PHE A 76 0.18 2.98 -4.14
CA PHE A 76 0.67 1.68 -3.72
C PHE A 76 -0.40 0.62 -3.92
N SER A 77 0.01 -0.53 -4.45
CA SER A 77 -0.92 -1.63 -4.73
C SER A 77 -0.35 -2.95 -4.20
N GLY A 78 -1.17 -3.72 -3.49
CA GLY A 78 -0.70 -5.00 -3.02
C GLY A 78 -1.72 -5.73 -2.19
N VAL A 79 -1.27 -6.74 -1.44
CA VAL A 79 -2.18 -7.61 -0.69
C VAL A 79 -2.05 -7.38 0.81
N ALA A 80 -3.07 -7.79 1.57
CA ALA A 80 -3.07 -7.53 3.00
C ALA A 80 -3.92 -8.55 3.75
N GLY A 81 -3.80 -8.54 5.06
CA GLY A 81 -4.61 -9.41 5.89
C GLY A 81 -5.78 -8.66 6.48
N SER A 82 -6.94 -9.30 6.50
CA SER A 82 -8.14 -8.67 7.02
C SER A 82 -8.26 -8.77 8.54
N LEU A 83 -8.74 -7.69 9.16
CA LEU A 83 -8.95 -7.64 10.59
C LEU A 83 -10.43 -7.42 10.91
N VAL A 84 -11.26 -7.33 9.87
CA VAL A 84 -12.69 -7.08 10.07
C VAL A 84 -13.55 -8.02 9.21
N LYS A 85 -14.66 -8.48 9.79
CA LYS A 85 -15.53 -9.45 9.14
C LYS A 85 -15.96 -9.05 7.73
N ASP A 86 -16.20 -7.76 7.53
CA ASP A 86 -16.73 -7.26 6.27
C ASP A 86 -15.70 -7.16 5.15
N LEU A 87 -14.42 -7.34 5.49
CA LEU A 87 -13.38 -7.43 4.47
C LEU A 87 -13.05 -8.88 4.21
N LYS A 88 -13.57 -9.41 3.11
CA LYS A 88 -13.40 -10.81 2.76
C LYS A 88 -12.23 -10.96 1.79
N ILE A 89 -11.80 -12.21 1.57
CA ILE A 89 -10.81 -12.48 0.54
C ILE A 89 -11.19 -11.81 -0.78
N ASN A 90 -10.22 -11.12 -1.36
CA ASN A 90 -10.35 -10.38 -2.63
C ASN A 90 -10.90 -8.97 -2.51
N ASP A 91 -11.50 -8.63 -1.37
CA ASP A 91 -12.06 -7.29 -1.18
C ASP A 91 -10.96 -6.24 -1.14
N LEU A 92 -11.33 -5.03 -1.56
CA LEU A 92 -10.40 -3.92 -1.65
C LEU A 92 -10.64 -2.91 -0.53
N LEU A 93 -9.57 -2.27 -0.08
CA LEU A 93 -9.74 -1.09 0.75
C LEU A 93 -8.67 -0.07 0.44
N VAL A 94 -8.98 1.19 0.72
CA VAL A 94 -7.94 2.21 0.67
C VAL A 94 -7.71 2.67 2.10
N ALA A 95 -6.48 3.05 2.40
CA ALA A 95 -6.15 3.51 3.75
C ALA A 95 -6.49 4.98 3.94
N THR A 96 -7.41 5.26 4.84
CA THR A 96 -7.68 6.65 5.23
C THR A 96 -6.51 7.16 6.09
N GLN A 97 -6.03 6.28 6.96
CA GLN A 97 -4.86 6.58 7.79
C GLN A 97 -4.06 5.30 7.95
N LEU A 98 -2.77 5.46 8.25
CA LEU A 98 -1.93 4.31 8.56
C LEU A 98 -1.19 4.49 9.88
N VAL A 99 -0.78 3.38 10.47
CA VAL A 99 0.00 3.42 11.71
C VAL A 99 1.08 2.36 11.65
N GLN A 100 2.18 2.61 12.35
CA GLN A 100 3.23 1.60 12.52
C GLN A 100 2.92 0.86 13.81
N HIS A 101 2.29 -0.30 13.67
CA HIS A 101 1.72 -0.98 14.84
C HIS A 101 2.74 -1.63 15.76
N ASP A 102 3.98 -1.76 15.29
CA ASP A 102 5.02 -2.41 16.09
C ASP A 102 5.97 -1.44 16.80
N VAL A 103 5.71 -0.14 16.66
CA VAL A 103 6.51 0.87 17.34
C VAL A 103 6.13 0.91 18.81
N ASP A 104 7.14 0.77 19.68
CA ASP A 104 6.89 0.70 21.12
C ASP A 104 7.94 1.47 21.93
N LEU A 105 7.58 2.68 22.35
CA LEU A 105 8.42 3.46 23.25
C LEU A 105 7.67 3.65 24.57
N SER A 106 6.94 2.63 24.99
CA SER A 106 6.13 2.69 26.19
C SER A 106 6.98 2.84 27.46
N ALA A 107 8.26 2.50 27.37
CA ALA A 107 9.17 2.67 28.50
C ALA A 107 9.27 4.14 28.92
N PHE A 108 9.01 5.04 27.96
CA PHE A 108 9.03 6.46 28.23
C PHE A 108 7.61 7.03 28.32
N ASP A 109 6.65 6.14 28.56
CA ASP A 109 5.24 6.50 28.71
C ASP A 109 4.60 7.04 27.43
N HIS A 110 5.19 6.76 26.27
CA HIS A 110 4.54 7.15 25.02
C HIS A 110 3.47 6.14 24.63
N PRO A 111 2.38 6.62 24.00
CA PRO A 111 1.38 5.70 23.45
C PRO A 111 2.03 4.77 22.43
N LEU A 112 1.55 3.53 22.33
CA LEU A 112 2.04 2.65 21.29
C LEU A 112 1.82 3.26 19.90
N GLY A 113 2.81 3.09 19.02
CA GLY A 113 2.73 3.66 17.70
C GLY A 113 3.33 5.04 17.60
N PHE A 114 3.59 5.68 18.74
CA PHE A 114 4.09 7.05 18.74
C PHE A 114 5.61 7.15 18.86
N ILE A 115 6.20 8.03 18.04
CA ILE A 115 7.60 8.39 18.15
C ILE A 115 7.72 9.91 18.31
N PRO A 116 8.56 10.37 19.24
CA PRO A 116 8.76 11.82 19.40
C PRO A 116 9.04 12.53 18.07
N GLU A 117 8.49 13.73 17.93
CA GLU A 117 8.61 14.54 16.71
C GLU A 117 7.89 13.90 15.53
N SER A 118 6.96 12.99 15.84
CA SER A 118 6.13 12.38 14.82
C SER A 118 4.69 12.25 15.32
N ALA A 119 3.96 11.29 14.79
CA ALA A 119 2.55 11.10 15.15
C ALA A 119 2.18 9.65 14.98
N ILE A 120 1.13 9.21 15.69
CA ILE A 120 0.66 7.84 15.56
C ILE A 120 0.12 7.56 14.16
N PHE A 121 -0.77 8.42 13.69
CA PHE A 121 -1.43 8.20 12.39
C PHE A 121 -0.85 9.04 11.28
N ILE A 122 -0.72 8.42 10.12
CA ILE A 122 -0.22 9.06 8.92
C ILE A 122 -1.40 9.23 7.98
N GLU A 123 -1.54 10.42 7.39
CA GLU A 123 -2.64 10.72 6.49
C GLU A 123 -2.30 10.42 5.03
N THR A 124 -3.34 10.22 4.23
CA THR A 124 -3.19 9.97 2.80
C THR A 124 -4.02 11.01 2.05
N SER A 125 -3.99 10.94 0.74
CA SER A 125 -4.68 11.93 -0.09
C SER A 125 -6.19 11.76 -0.10
N GLY A 126 -6.91 12.73 0.45
CA GLY A 126 -8.36 12.71 0.39
C GLY A 126 -8.87 12.69 -1.05
N SER A 127 -8.16 13.37 -1.93
CA SER A 127 -8.55 13.41 -3.34
C SER A 127 -8.45 12.04 -3.99
N LEU A 128 -7.33 11.36 -3.79
CA LEU A 128 -7.14 10.04 -4.40
C LEU A 128 -8.08 9.01 -3.80
N ASN A 129 -8.27 9.08 -2.47
CA ASN A 129 -9.19 8.16 -1.82
C ASN A 129 -10.62 8.36 -2.32
N ALA A 130 -11.02 9.63 -2.52
CA ALA A 130 -12.35 9.92 -3.03
C ALA A 130 -12.52 9.44 -4.47
N LEU A 131 -11.46 9.58 -5.27
CA LEU A 131 -11.46 9.07 -6.63
C LEU A 131 -11.67 7.56 -6.61
N ALA A 132 -10.92 6.88 -5.76
CA ALA A 132 -11.04 5.43 -5.61
C ALA A 132 -12.47 5.02 -5.31
N LYS A 133 -13.11 5.70 -4.36
CA LYS A 133 -14.47 5.38 -3.98
C LYS A 133 -15.46 5.62 -5.12
N LYS A 134 -15.27 6.70 -5.87
CA LYS A 134 -16.15 6.96 -7.02
C LYS A 134 -16.01 5.87 -8.08
N ILE A 135 -14.78 5.45 -8.35
CA ILE A 135 -14.54 4.40 -9.33
C ILE A 135 -15.16 3.09 -8.87
N ALA A 136 -15.02 2.79 -7.58
CA ALA A 136 -15.57 1.56 -7.04
C ALA A 136 -17.08 1.56 -7.16
N ASN A 137 -17.71 2.66 -6.77
CA ASN A 137 -19.15 2.80 -6.92
C ASN A 137 -19.63 2.59 -8.36
N GLU A 138 -18.91 3.18 -9.32
CA GLU A 138 -19.29 3.05 -10.73
C GLU A 138 -19.07 1.63 -11.25
N GLN A 139 -17.99 1.00 -10.81
CA GLN A 139 -17.70 -0.39 -11.18
C GLN A 139 -18.63 -1.36 -10.43
N HIS A 140 -19.43 -0.83 -9.51
CA HIS A 140 -20.30 -1.65 -8.68
C HIS A 140 -19.55 -2.67 -7.81
N ILE A 141 -18.40 -2.27 -7.30
CA ILE A 141 -17.67 -3.12 -6.36
C ILE A 141 -17.53 -2.42 -5.03
N ALA A 142 -17.41 -3.21 -3.96
CA ALA A 142 -17.24 -2.66 -2.64
C ALA A 142 -15.84 -2.05 -2.52
N LEU A 143 -15.73 -1.02 -1.70
CA LEU A 143 -14.43 -0.47 -1.34
C LEU A 143 -14.50 0.10 0.06
N LYS A 144 -13.75 -0.51 0.97
CA LYS A 144 -13.71 -0.06 2.34
C LYS A 144 -12.69 1.07 2.46
N GLU A 145 -12.93 1.96 3.41
CA GLU A 145 -11.98 3.02 3.71
C GLU A 145 -11.71 2.92 5.20
N GLY A 146 -10.46 2.67 5.57
CA GLY A 146 -10.17 2.48 6.97
C GLY A 146 -8.72 2.67 7.32
N VAL A 147 -8.39 2.28 8.55
CA VAL A 147 -7.03 2.37 9.05
C VAL A 147 -6.28 1.10 8.66
N ILE A 148 -5.08 1.28 8.11
CA ILE A 148 -4.20 0.14 7.85
C ILE A 148 -3.02 0.16 8.82
N ALA A 149 -2.79 -0.98 9.46
CA ALA A 149 -1.68 -1.13 10.41
C ALA A 149 -0.53 -1.83 9.71
N SER A 150 0.67 -1.24 9.80
CA SER A 150 1.87 -1.77 9.14
C SER A 150 2.94 -2.08 10.18
N GLY A 151 3.63 -3.21 10.01
CA GLY A 151 4.70 -3.60 10.90
C GLY A 151 5.63 -4.55 10.20
N ASP A 152 6.72 -4.92 10.85
CA ASP A 152 7.70 -5.80 10.22
C ASP A 152 7.49 -7.26 10.61
N GLN A 153 6.24 -7.63 10.89
CA GLN A 153 5.92 -9.03 11.14
C GLN A 153 4.73 -9.45 10.28
N PHE A 154 4.77 -10.68 9.80
CA PHE A 154 3.60 -11.23 9.17
C PHE A 154 2.67 -11.68 10.28
N VAL A 155 1.47 -11.12 10.33
CA VAL A 155 0.55 -11.38 11.43
C VAL A 155 -0.32 -12.61 11.13
N HIS A 156 -0.31 -13.56 12.07
CA HIS A 156 -0.98 -14.84 11.88
C HIS A 156 -1.47 -15.42 13.21
N SER A 157 -2.09 -14.57 14.02
CA SER A 157 -2.62 -15.00 15.31
C SER A 157 -3.81 -14.15 15.76
N LYS A 158 -4.76 -14.79 16.45
CA LYS A 158 -5.90 -14.08 17.00
C LYS A 158 -5.47 -13.00 18.01
N GLU A 159 -4.46 -13.30 18.82
CA GLU A 159 -4.02 -12.35 19.84
C GLU A 159 -3.53 -11.04 19.21
N ARG A 160 -2.70 -11.14 18.17
CA ARG A 160 -2.17 -9.92 17.56
C ARG A 160 -3.27 -9.18 16.79
N LYS A 161 -4.19 -9.93 16.16
CA LYS A 161 -5.34 -9.29 15.51
C LYS A 161 -6.14 -8.48 16.52
N GLU A 162 -6.41 -9.08 17.67
CA GLU A 162 -7.19 -8.40 18.72
C GLU A 162 -6.50 -7.12 19.17
N PHE A 163 -5.17 -7.16 19.28
CA PHE A 163 -4.40 -5.98 19.63
C PHE A 163 -4.56 -4.88 18.60
N LEU A 164 -4.44 -5.23 17.32
CA LEU A 164 -4.50 -4.24 16.25
C LEU A 164 -5.86 -3.56 16.21
N VAL A 165 -6.90 -4.35 16.46
CA VAL A 165 -8.26 -3.82 16.47
C VAL A 165 -8.52 -2.97 17.71
N SER A 166 -8.09 -3.47 18.86
CA SER A 166 -8.32 -2.73 20.12
C SER A 166 -7.48 -1.46 20.23
N GLU A 167 -6.20 -1.53 19.84
CA GLU A 167 -5.30 -0.39 20.00
C GLU A 167 -5.49 0.68 18.92
N PHE A 168 -5.69 0.26 17.68
CA PHE A 168 -5.66 1.18 16.53
C PHE A 168 -6.95 1.21 15.70
N LYS A 169 -7.90 0.34 16.04
CA LYS A 169 -9.13 0.19 15.26
C LYS A 169 -8.79 -0.04 13.77
N ALA A 170 -7.77 -0.87 13.53
CA ALA A 170 -7.30 -1.16 12.18
C ALA A 170 -8.26 -2.11 11.47
N SER A 171 -8.37 -1.95 10.16
CA SER A 171 -9.22 -2.80 9.32
C SER A 171 -8.40 -3.86 8.58
N ALA A 172 -7.12 -3.58 8.38
CA ALA A 172 -6.25 -4.51 7.67
C ALA A 172 -4.82 -4.34 8.16
N VAL A 173 -4.01 -5.37 7.91
CA VAL A 173 -2.61 -5.38 8.35
C VAL A 173 -1.70 -5.76 7.18
N GLU A 174 -0.57 -5.08 7.09
CA GLU A 174 0.43 -5.37 6.07
C GLU A 174 1.79 -4.84 6.55
N MET A 175 2.76 -4.75 5.66
CA MET A 175 4.13 -4.48 6.11
C MET A 175 4.84 -3.30 5.42
N GLU A 176 4.12 -2.55 4.60
CA GLU A 176 4.75 -1.45 3.88
C GLU A 176 3.96 -0.14 3.83
N GLY A 177 2.65 -0.22 3.98
CA GLY A 177 1.83 0.95 3.72
C GLY A 177 2.20 2.19 4.52
N ALA A 178 2.38 2.02 5.83
CA ALA A 178 2.65 3.15 6.70
C ALA A 178 3.95 3.82 6.32
N SER A 179 4.97 3.03 5.97
CA SER A 179 6.26 3.61 5.62
C SER A 179 6.20 4.36 4.28
N VAL A 180 5.49 3.81 3.29
CA VAL A 180 5.34 4.51 2.02
C VAL A 180 4.59 5.82 2.25
N ALA A 181 3.48 5.76 2.95
CA ALA A 181 2.68 6.97 3.21
C ALA A 181 3.46 8.00 4.03
N PHE A 182 4.26 7.53 4.97
CA PHE A 182 5.07 8.41 5.81
C PHE A 182 6.06 9.21 4.96
N VAL A 183 6.79 8.52 4.11
CA VAL A 183 7.76 9.18 3.25
C VAL A 183 7.06 10.22 2.37
N CYS A 184 5.93 9.83 1.77
CA CYS A 184 5.20 10.77 0.92
C CYS A 184 4.81 12.03 1.68
N GLN A 185 4.32 11.87 2.90
CA GLN A 185 3.95 13.05 3.69
C GLN A 185 5.15 13.97 3.93
N LYS A 186 6.31 13.37 4.22
CA LYS A 186 7.49 14.16 4.57
C LYS A 186 7.96 15.01 3.39
N PHE A 187 7.70 14.51 2.17
CA PHE A 187 8.08 15.21 0.96
C PHE A 187 6.95 15.98 0.27
N GLY A 188 5.77 16.00 0.89
CA GLY A 188 4.61 16.67 0.30
C GLY A 188 4.11 16.06 -0.99
N VAL A 189 4.18 14.74 -1.08
CA VAL A 189 3.74 14.02 -2.27
C VAL A 189 2.45 13.26 -1.99
N PRO A 190 1.40 13.51 -2.77
CA PRO A 190 0.13 12.80 -2.54
C PRO A 190 0.30 11.28 -2.65
N CYS A 191 -0.36 10.56 -1.77
CA CYS A 191 -0.22 9.11 -1.70
C CYS A 191 -1.57 8.46 -1.51
N CYS A 192 -1.76 7.31 -2.15
CA CYS A 192 -2.91 6.47 -1.91
C CYS A 192 -2.40 5.05 -1.72
N VAL A 193 -2.83 4.39 -0.65
CA VAL A 193 -2.47 3.00 -0.39
C VAL A 193 -3.68 2.08 -0.58
N LEU A 194 -3.58 1.22 -1.59
CA LEU A 194 -4.67 0.33 -1.98
C LEU A 194 -4.25 -1.11 -1.68
N ARG A 195 -5.14 -1.88 -1.06
CA ARG A 195 -4.83 -3.28 -0.77
C ARG A 195 -6.00 -4.20 -1.07
N SER A 196 -5.70 -5.41 -1.53
CA SER A 196 -6.69 -6.47 -1.70
C SER A 196 -6.44 -7.56 -0.66
N ILE A 197 -7.49 -8.00 0.02
CA ILE A 197 -7.33 -9.02 1.06
C ILE A 197 -6.95 -10.37 0.47
N SER A 198 -5.95 -11.02 1.05
CA SER A 198 -5.57 -12.37 0.63
C SER A 198 -5.58 -13.37 1.78
N ASN A 199 -5.86 -12.90 2.99
CA ASN A 199 -5.85 -13.76 4.16
C ASN A 199 -6.49 -13.04 5.34
N ASN A 200 -6.74 -13.78 6.42
CA ASN A 200 -7.41 -13.22 7.60
C ASN A 200 -6.48 -13.03 8.78
N ALA A 201 -5.17 -13.05 8.53
CA ALA A 201 -4.17 -12.70 9.53
C ALA A 201 -4.24 -13.56 10.79
N ASP A 202 -4.75 -14.78 10.61
CA ASP A 202 -4.93 -15.72 11.72
C ASP A 202 -3.99 -16.90 11.57
N GLU A 203 -4.24 -17.96 12.33
CA GLU A 203 -3.32 -19.10 12.32
C GLU A 203 -3.11 -19.72 10.94
N LYS A 204 -4.12 -19.65 10.08
CA LYS A 204 -3.99 -20.21 8.73
C LYS A 204 -3.64 -19.17 7.66
N ALA A 205 -3.15 -18.00 8.09
CA ALA A 205 -2.92 -16.91 7.14
C ALA A 205 -1.84 -17.22 6.10
N GLY A 206 -0.84 -18.01 6.49
CA GLY A 206 0.24 -18.35 5.58
C GLY A 206 -0.26 -19.11 4.37
N MET A 207 -1.08 -20.13 4.61
CA MET A 207 -1.66 -20.92 3.53
C MET A 207 -2.59 -20.10 2.64
N SER A 208 -3.42 -19.26 3.26
CA SER A 208 -4.34 -18.40 2.51
C SER A 208 -3.54 -17.41 1.67
N PHE A 209 -2.51 -16.80 2.27
CA PHE A 209 -1.65 -15.89 1.54
C PHE A 209 -1.13 -16.54 0.26
N ASP A 210 -0.63 -17.78 0.38
CA ASP A 210 -0.10 -18.46 -0.78
C ASP A 210 -1.18 -18.74 -1.83
N GLU A 211 -2.34 -19.17 -1.37
CA GLU A 211 -3.42 -19.56 -2.28
C GLU A 211 -3.91 -18.36 -3.09
N PHE A 212 -4.00 -17.20 -2.44
CA PHE A 212 -4.66 -16.06 -3.07
C PHE A 212 -3.74 -14.92 -3.53
N LEU A 213 -2.42 -15.08 -3.39
CA LEU A 213 -1.50 -14.03 -3.81
C LEU A 213 -1.76 -13.55 -5.24
N GLU A 214 -1.85 -14.49 -6.17
CA GLU A 214 -1.98 -14.14 -7.58
C GLU A 214 -3.29 -13.39 -7.86
N LYS A 215 -4.40 -13.92 -7.37
CA LYS A 215 -5.68 -13.30 -7.65
C LYS A 215 -5.82 -11.95 -6.94
N SER A 216 -5.50 -11.91 -5.65
CA SER A 216 -5.59 -10.65 -4.90
C SER A 216 -4.66 -9.58 -5.46
N ALA A 217 -3.44 -9.96 -5.83
CA ALA A 217 -2.51 -9.01 -6.43
C ALA A 217 -3.09 -8.45 -7.73
N HIS A 218 -3.72 -9.31 -8.53
CA HIS A 218 -4.31 -8.84 -9.77
C HIS A 218 -5.51 -7.91 -9.51
N THR A 219 -6.34 -8.26 -8.54
CA THR A 219 -7.48 -7.42 -8.18
C THR A 219 -7.02 -5.99 -7.81
N SER A 220 -6.00 -5.89 -6.98
CA SER A 220 -5.48 -4.58 -6.60
C SER A 220 -4.90 -3.86 -7.83
N ALA A 221 -4.14 -4.58 -8.64
CA ALA A 221 -3.50 -3.99 -9.82
C ALA A 221 -4.52 -3.44 -10.81
N LYS A 222 -5.59 -4.21 -11.05
CA LYS A 222 -6.63 -3.78 -11.99
C LYS A 222 -7.29 -2.52 -11.50
N PHE A 223 -7.54 -2.47 -10.19
CA PHE A 223 -8.16 -1.28 -9.62
C PHE A 223 -7.22 -0.08 -9.70
N LEU A 224 -5.94 -0.30 -9.38
CA LEU A 224 -4.96 0.79 -9.50
C LEU A 224 -4.92 1.33 -10.92
N LYS A 225 -4.91 0.45 -11.92
CA LYS A 225 -4.94 0.92 -13.30
C LYS A 225 -6.20 1.75 -13.58
N SER A 226 -7.34 1.33 -13.04
CA SER A 226 -8.57 2.09 -13.26
C SER A 226 -8.48 3.50 -12.65
N MET A 227 -7.74 3.65 -11.56
CA MET A 227 -7.51 4.98 -10.99
C MET A 227 -6.63 5.83 -11.91
N VAL A 228 -5.55 5.25 -12.41
CA VAL A 228 -4.66 5.97 -13.30
C VAL A 228 -5.38 6.43 -14.58
N ASP A 229 -6.33 5.62 -15.04
CA ASP A 229 -7.12 5.96 -16.22
C ASP A 229 -7.96 7.22 -16.00
N GLU A 230 -8.19 7.57 -14.73
CA GLU A 230 -8.99 8.75 -14.38
C GLU A 230 -8.12 9.94 -13.96
N LEU A 231 -6.81 9.76 -13.99
CA LEU A 231 -5.86 10.80 -13.62
C LEU A 231 -5.25 11.50 -14.82
CS MTA B . 5.38 -12.33 2.56
S5' MTA B . 5.22 -11.12 3.90
C5' MTA B . 3.54 -10.50 3.59
C4' MTA B . 3.57 -9.53 2.38
O4' MTA B . 2.16 -9.35 2.14
C2' MTA B . 2.75 -7.51 3.64
O2' MTA B . 2.62 -6.16 3.22
C3' MTA B . 3.96 -8.13 2.87
O3' MTA B . 4.42 -7.46 1.70
C1' MTA B . 1.56 -8.26 2.93
N9 MTA B . 0.66 -8.95 3.91
C8 MTA B . -0.44 -9.72 3.59
N7 MTA B . -1.10 -10.28 4.57
C5 MTA B . -0.37 -9.97 5.65
C6 MTA B . -0.43 -10.19 7.06
N6 MTA B . -1.33 -11.13 7.52
N1 MTA B . 0.45 -9.69 7.95
C2 MTA B . 1.40 -8.87 7.47
N3 MTA B . 1.55 -8.53 6.18
C4 MTA B . 0.65 -9.05 5.30
CL CL C . 1.06 -12.88 14.91
#